data_2QX9
#
_entry.id   2QX9
#
_cell.length_a   52.025
_cell.length_b   81.528
_cell.length_c   106.178
_cell.angle_alpha   90.000
_cell.angle_beta   90.000
_cell.angle_gamma   90.000
#
_symmetry.space_group_name_H-M   'P 21 21 21'
#
loop_
_entity.id
_entity.type
_entity.pdbx_description
1 polymer 'Ribosyldihydronicotinamide dehydrogenase [quinone]'
2 non-polymer 'FLAVIN-ADENINE DINUCLEOTIDE'
3 non-polymer N-[2-(2-iodo-5-methoxy-1H-indol-3-yl)ethyl]acetamide
4 non-polymer 'ZINC ION'
5 water water
#
_entity_poly.entity_id   1
_entity_poly.type   'polypeptide(L)'
_entity_poly.pdbx_seq_one_letter_code
;AGKKVLIVYAHQEPKSFNGSLKNVAVDELSRQGCTVTVSDLYAMNFEPRATDKDITGTLSNPEVFNYGVETHEAYKQRSL
ASDITDEQKKVREADLVIFQFPLYWFSVPAILKGWMDRVLCQGFAFDIPGFYDSGLLQGKLALLSVTTGGTAEMYTKTGV
NGDSRYFLWPLQHGTLHFCGFKVLAPQISFAPEIASEEERKGMVAAWSQRLQTIWKEEPIPCTAHWHFGQ
;
_entity_poly.pdbx_strand_id   A,B
#
loop_
_chem_comp.id
_chem_comp.type
_chem_comp.name
_chem_comp.formula
FAD non-polymer 'FLAVIN-ADENINE DINUCLEOTIDE' 'C27 H33 N9 O15 P2'
ML2 non-polymer N-[2-(2-iodo-5-methoxy-1H-indol-3-yl)ethyl]acetamide 'C13 H15 I N2 O2'
ZN non-polymer 'ZINC ION' 'Zn 2'
#
# COMPACT_ATOMS: atom_id res chain seq x y z
N ALA A 1 -18.41 -26.03 4.72
CA ALA A 1 -18.42 -27.44 5.23
C ALA A 1 -17.02 -28.07 5.15
N GLY A 2 -16.35 -28.17 6.30
CA GLY A 2 -15.02 -28.74 6.33
C GLY A 2 -13.97 -27.74 5.89
N LYS A 3 -14.42 -26.67 5.23
CA LYS A 3 -13.56 -25.61 4.73
C LYS A 3 -12.89 -24.85 5.86
N LYS A 4 -11.70 -24.33 5.56
CA LYS A 4 -10.93 -23.57 6.54
C LYS A 4 -10.88 -22.11 6.08
N VAL A 5 -11.20 -21.19 6.97
CA VAL A 5 -11.21 -19.78 6.62
C VAL A 5 -10.25 -18.91 7.39
N LEU A 6 -9.45 -18.14 6.65
CA LEU A 6 -8.52 -17.22 7.28
C LEU A 6 -8.95 -15.78 7.07
N ILE A 7 -9.06 -15.03 8.16
CA ILE A 7 -9.43 -13.64 8.04
C ILE A 7 -8.28 -12.83 8.56
N VAL A 8 -7.70 -12.00 7.68
CA VAL A 8 -6.63 -11.11 8.07
C VAL A 8 -7.35 -9.80 8.38
N TYR A 9 -7.36 -9.40 9.63
CA TYR A 9 -8.07 -8.22 10.07
C TYR A 9 -7.15 -7.05 10.43
N ALA A 10 -7.46 -5.87 9.90
CA ALA A 10 -6.65 -4.69 10.15
C ALA A 10 -7.39 -3.45 10.68
N HIS A 11 -7.80 -3.49 11.95
CA HIS A 11 -8.46 -2.33 12.55
C HIS A 11 -8.04 -2.23 14.02
N GLN A 12 -7.78 -1.01 14.49
CA GLN A 12 -7.34 -0.84 15.86
C GLN A 12 -8.43 -0.96 16.94
N GLU A 13 -9.69 -0.66 16.59
CA GLU A 13 -10.79 -0.69 17.55
C GLU A 13 -11.86 -1.77 17.36
N PRO A 14 -12.00 -2.68 18.34
CA PRO A 14 -12.96 -3.77 18.30
C PRO A 14 -14.43 -3.32 18.18
N LYS A 15 -14.74 -2.18 18.77
CA LYS A 15 -16.10 -1.64 18.72
C LYS A 15 -16.41 -0.99 17.36
N SER A 16 -15.37 -0.71 16.59
CA SER A 16 -15.53 -0.08 15.28
C SER A 16 -16.46 -0.87 14.38
N PHE A 17 -16.74 -0.28 13.23
CA PHE A 17 -17.61 -0.90 12.22
C PHE A 17 -16.89 -2.11 11.62
N ASN A 18 -15.58 -1.97 11.37
CA ASN A 18 -14.81 -3.06 10.82
C ASN A 18 -14.90 -4.23 11.78
N GLY A 19 -14.88 -3.91 13.07
CA GLY A 19 -14.99 -4.95 14.09
C GLY A 19 -16.26 -5.78 13.98
N SER A 20 -17.36 -5.12 13.62
CA SER A 20 -18.65 -5.80 13.48
C SER A 20 -18.72 -6.63 12.21
N LEU A 21 -18.13 -6.13 11.13
CA LEU A 21 -18.11 -6.90 9.88
C LEU A 21 -17.24 -8.16 10.13
N LYS A 22 -16.21 -8.00 10.95
CA LYS A 22 -15.33 -9.12 11.29
C LYS A 22 -16.05 -10.11 12.20
N ASN A 23 -16.62 -9.61 13.30
CA ASN A 23 -17.34 -10.50 14.21
C ASN A 23 -18.44 -11.21 13.46
N VAL A 24 -19.17 -10.46 12.65
CA VAL A 24 -20.23 -11.04 11.87
C VAL A 24 -19.66 -12.21 11.08
N ALA A 25 -18.62 -11.95 10.31
CA ALA A 25 -17.97 -12.99 9.50
C ALA A 25 -17.58 -14.22 10.32
N VAL A 26 -16.98 -13.96 11.50
CA VAL A 26 -16.55 -15.03 12.40
C VAL A 26 -17.71 -15.88 12.91
N ASP A 27 -18.78 -15.22 13.37
CA ASP A 27 -19.94 -15.95 13.89
C ASP A 27 -20.61 -16.85 12.86
N GLU A 28 -20.85 -16.30 11.67
CA GLU A 28 -21.52 -17.03 10.59
C GLU A 28 -20.76 -18.25 10.06
N LEU A 29 -19.52 -18.05 9.64
CA LEU A 29 -18.72 -19.15 9.11
C LEU A 29 -18.62 -20.25 10.16
N SER A 30 -18.45 -19.83 11.41
CA SER A 30 -18.37 -20.75 12.51
C SER A 30 -19.73 -21.47 12.57
N ARG A 31 -20.80 -20.69 12.74
CA ARG A 31 -22.15 -21.24 12.80
C ARG A 31 -22.42 -22.25 11.69
N GLN A 32 -21.71 -22.13 10.56
CA GLN A 32 -21.89 -23.06 9.44
C GLN A 32 -21.06 -24.33 9.58
N GLY A 33 -20.14 -24.36 10.54
CA GLY A 33 -19.32 -25.54 10.73
C GLY A 33 -17.94 -25.41 10.13
N CYS A 34 -17.60 -24.20 9.68
CA CYS A 34 -16.28 -23.95 9.09
C CYS A 34 -15.23 -23.69 10.16
N THR A 35 -14.00 -24.09 9.86
CA THR A 35 -12.92 -23.83 10.78
C THR A 35 -12.54 -22.38 10.47
N VAL A 36 -12.43 -21.56 11.50
CA VAL A 36 -12.11 -20.16 11.31
C VAL A 36 -10.88 -19.70 12.10
N THR A 37 -9.99 -18.98 11.42
CA THR A 37 -8.80 -18.44 12.06
C THR A 37 -8.78 -16.93 11.80
N VAL A 38 -8.28 -16.17 12.77
CA VAL A 38 -8.23 -14.72 12.61
C VAL A 38 -6.88 -14.14 12.98
N SER A 39 -6.37 -13.26 12.12
CA SER A 39 -5.09 -12.58 12.39
C SER A 39 -5.42 -11.10 12.63
N ASP A 40 -5.60 -10.71 13.88
CA ASP A 40 -5.90 -9.33 14.22
C ASP A 40 -4.57 -8.63 14.33
N LEU A 41 -4.07 -8.23 13.16
CA LEU A 41 -2.78 -7.59 13.09
C LEU A 41 -2.44 -6.60 14.17
N TYR A 42 -3.34 -5.66 14.46
CA TYR A 42 -3.04 -4.65 15.48
C TYR A 42 -2.80 -5.24 16.86
N ALA A 43 -3.59 -6.23 17.25
CA ALA A 43 -3.42 -6.88 18.56
C ALA A 43 -2.16 -7.74 18.60
N MET A 44 -1.72 -8.20 17.43
CA MET A 44 -0.53 -9.01 17.33
C MET A 44 0.66 -8.07 17.36
N ASN A 45 0.39 -6.80 17.07
CA ASN A 45 1.46 -5.79 17.01
C ASN A 45 2.38 -6.24 15.88
N PHE A 46 1.78 -6.78 14.83
CA PHE A 46 2.49 -7.30 13.68
C PHE A 46 3.52 -6.33 13.11
N GLU A 47 4.73 -6.83 12.91
CA GLU A 47 5.82 -6.05 12.36
C GLU A 47 5.57 -5.89 10.86
N PRO A 48 5.44 -4.65 10.38
CA PRO A 48 5.19 -4.45 8.96
C PRO A 48 6.43 -4.11 8.11
N ARG A 49 7.55 -3.78 8.75
CA ARG A 49 8.75 -3.43 8.00
C ARG A 49 9.56 -4.62 7.49
N ALA A 50 9.94 -4.53 6.22
CA ALA A 50 10.74 -5.57 5.58
C ALA A 50 12.22 -5.37 5.94
N THR A 51 12.73 -6.08 6.93
CA THR A 51 14.15 -5.90 7.28
C THR A 51 14.96 -7.17 7.35
N ASP A 52 16.27 -7.02 7.46
CA ASP A 52 17.15 -8.18 7.54
C ASP A 52 16.90 -9.03 8.80
N LYS A 53 16.13 -8.50 9.75
CA LYS A 53 15.81 -9.25 10.95
C LYS A 53 14.80 -10.36 10.64
N ASP A 54 14.23 -10.32 9.43
CA ASP A 54 13.26 -11.32 8.98
C ASP A 54 13.95 -12.63 8.62
N ILE A 55 15.24 -12.56 8.39
CA ILE A 55 15.99 -13.75 8.08
C ILE A 55 16.88 -13.94 9.29
N THR A 56 16.51 -14.84 10.19
CA THR A 56 17.32 -15.07 11.38
C THR A 56 18.71 -15.60 11.04
N GLY A 57 18.78 -16.57 10.12
CA GLY A 57 20.08 -17.11 9.74
C GLY A 57 21.09 -16.11 9.17
N THR A 58 22.16 -16.66 8.62
CA THR A 58 23.22 -15.87 8.01
C THR A 58 22.86 -15.63 6.56
N LEU A 59 23.09 -14.42 6.10
CA LEU A 59 22.77 -14.06 4.72
C LEU A 59 23.76 -14.64 3.73
N SER A 60 23.26 -15.10 2.60
CA SER A 60 24.14 -15.65 1.57
C SER A 60 25.04 -14.54 1.03
N ASN A 61 24.48 -13.34 0.89
CA ASN A 61 25.26 -12.21 0.40
C ASN A 61 24.99 -10.94 1.19
N PRO A 62 25.71 -10.75 2.30
CA PRO A 62 25.56 -9.57 3.16
C PRO A 62 26.14 -8.24 2.63
N GLU A 63 26.94 -8.31 1.57
CA GLU A 63 27.54 -7.10 0.98
C GLU A 63 26.48 -6.13 0.44
N VAL A 64 25.51 -6.67 -0.31
CA VAL A 64 24.42 -5.88 -0.87
C VAL A 64 23.16 -6.67 -0.52
N PHE A 65 22.44 -6.19 0.48
CA PHE A 65 21.25 -6.89 0.92
C PHE A 65 20.01 -6.70 0.05
N ASN A 66 19.51 -7.81 -0.49
CA ASN A 66 18.30 -7.80 -1.31
C ASN A 66 17.22 -8.60 -0.58
N TYR A 67 16.32 -7.91 0.08
CA TYR A 67 15.26 -8.55 0.82
C TYR A 67 14.57 -9.66 0.01
N GLY A 68 14.30 -9.35 -1.26
CA GLY A 68 13.63 -10.33 -2.10
C GLY A 68 14.41 -11.61 -2.22
N VAL A 69 15.69 -11.49 -2.52
CA VAL A 69 16.56 -12.65 -2.69
C VAL A 69 16.76 -13.40 -1.38
N GLU A 70 17.04 -12.69 -0.29
CA GLU A 70 17.25 -13.33 1.00
C GLU A 70 16.04 -14.07 1.58
N THR A 71 14.86 -13.48 1.51
CA THR A 71 13.69 -14.17 2.04
C THR A 71 13.36 -15.41 1.18
N HIS A 72 13.67 -15.37 -0.12
CA HIS A 72 13.41 -16.56 -0.94
C HIS A 72 14.36 -17.64 -0.41
N GLU A 73 15.60 -17.25 -0.14
CA GLU A 73 16.59 -18.17 0.38
C GLU A 73 16.14 -18.71 1.74
N ALA A 74 15.79 -17.81 2.65
CA ALA A 74 15.39 -18.20 4.00
C ALA A 74 14.20 -19.13 4.05
N TYR A 75 13.27 -18.93 3.14
CA TYR A 75 12.09 -19.78 3.09
C TYR A 75 12.49 -21.24 2.81
N LYS A 76 13.40 -21.43 1.87
CA LYS A 76 13.82 -22.78 1.56
C LYS A 76 14.53 -23.45 2.74
N GLN A 77 15.26 -22.66 3.53
CA GLN A 77 16.01 -23.15 4.68
C GLN A 77 15.22 -23.11 5.97
N ARG A 78 13.96 -22.70 5.88
CA ARG A 78 13.10 -22.58 7.06
C ARG A 78 13.76 -21.67 8.08
N SER A 79 14.30 -20.55 7.63
CA SER A 79 14.92 -19.63 8.55
C SER A 79 14.29 -18.24 8.57
N LEU A 80 13.02 -18.15 8.18
CA LEU A 80 12.30 -16.89 8.20
C LEU A 80 11.84 -16.66 9.64
N ALA A 81 11.65 -15.40 10.05
CA ALA A 81 11.19 -15.08 11.40
C ALA A 81 9.98 -15.92 11.71
N SER A 82 9.80 -16.31 12.97
CA SER A 82 8.67 -17.16 13.28
C SER A 82 7.31 -16.46 13.06
N ASP A 83 7.24 -15.14 13.16
CA ASP A 83 5.97 -14.49 12.93
C ASP A 83 5.47 -14.65 11.49
N ILE A 84 6.39 -14.64 10.53
CA ILE A 84 6.05 -14.81 9.11
C ILE A 84 5.68 -16.27 8.86
N THR A 85 6.44 -17.16 9.47
CA THR A 85 6.23 -18.59 9.32
C THR A 85 4.86 -18.94 9.88
N ASP A 86 4.48 -18.37 11.01
CA ASP A 86 3.15 -18.63 11.58
C ASP A 86 2.03 -18.25 10.61
N GLU A 87 2.16 -17.09 9.98
CA GLU A 87 1.18 -16.60 9.04
C GLU A 87 1.11 -17.47 7.79
N GLN A 88 2.27 -17.81 7.24
CA GLN A 88 2.29 -18.65 6.06
C GLN A 88 1.62 -19.98 6.40
N LYS A 89 1.81 -20.45 7.64
CA LYS A 89 1.18 -21.68 8.06
C LYS A 89 -0.35 -21.54 8.00
N LYS A 90 -0.88 -20.38 8.38
CA LYS A 90 -2.33 -20.17 8.35
C LYS A 90 -2.84 -20.08 6.92
N VAL A 91 -2.14 -19.32 6.09
CA VAL A 91 -2.54 -19.17 4.70
C VAL A 91 -2.56 -20.55 4.00
N ARG A 92 -1.51 -21.32 4.23
CA ARG A 92 -1.37 -22.63 3.64
C ARG A 92 -2.54 -23.55 4.00
N GLU A 93 -3.06 -23.44 5.21
CA GLU A 93 -4.17 -24.31 5.59
C GLU A 93 -5.49 -23.85 4.99
N ALA A 94 -5.65 -22.53 4.91
CA ALA A 94 -6.88 -21.92 4.42
C ALA A 94 -7.36 -22.27 3.00
N ASP A 95 -8.68 -22.35 2.85
CA ASP A 95 -9.31 -22.60 1.56
C ASP A 95 -9.81 -21.22 1.13
N LEU A 96 -10.14 -20.40 2.14
CA LEU A 96 -10.64 -19.04 1.94
C LEU A 96 -9.91 -18.04 2.83
N VAL A 97 -9.48 -16.94 2.23
CA VAL A 97 -8.78 -15.90 2.96
C VAL A 97 -9.52 -14.61 2.74
N ILE A 98 -10.01 -14.03 3.83
CA ILE A 98 -10.73 -12.78 3.78
C ILE A 98 -9.86 -11.68 4.37
N PHE A 99 -9.88 -10.53 3.72
CA PHE A 99 -9.14 -9.39 4.22
C PHE A 99 -10.19 -8.40 4.65
N GLN A 100 -10.14 -8.00 5.91
CA GLN A 100 -11.11 -7.04 6.44
C GLN A 100 -10.33 -5.80 6.78
N PHE A 101 -10.68 -4.67 6.16
CA PHE A 101 -9.93 -3.47 6.44
C PHE A 101 -10.57 -2.18 5.98
N PRO A 102 -10.14 -1.06 6.57
CA PRO A 102 -10.61 0.29 6.23
C PRO A 102 -9.67 0.76 5.14
N LEU A 103 -10.23 1.42 4.12
CA LEU A 103 -9.42 1.92 3.03
C LEU A 103 -8.52 3.03 3.56
N TYR A 104 -7.24 2.97 3.22
CA TYR A 104 -6.28 3.99 3.64
C TYR A 104 -5.56 4.45 2.40
N TRP A 105 -5.78 5.69 2.00
CA TRP A 105 -5.12 6.21 0.81
C TRP A 105 -5.24 5.27 -0.36
N PHE A 106 -6.48 4.87 -0.65
CA PHE A 106 -6.79 3.98 -1.76
C PHE A 106 -6.19 2.61 -1.65
N SER A 107 -5.67 2.28 -0.48
CA SER A 107 -5.04 0.99 -0.29
C SER A 107 -5.37 0.37 1.07
N VAL A 108 -4.53 -0.57 1.47
CA VAL A 108 -4.68 -1.24 2.73
C VAL A 108 -3.87 -0.48 3.74
N PRO A 109 -4.29 -0.52 5.02
CA PRO A 109 -3.54 0.18 6.06
C PRO A 109 -2.13 -0.43 6.06
N ALA A 110 -1.11 0.37 6.30
CA ALA A 110 0.29 -0.09 6.26
C ALA A 110 0.64 -1.40 6.96
N ILE A 111 -0.02 -1.69 8.07
CA ILE A 111 0.29 -2.87 8.82
C ILE A 111 -0.08 -4.12 8.03
N LEU A 112 -1.11 -4.00 7.20
CA LEU A 112 -1.55 -5.10 6.36
C LEU A 112 -0.67 -5.20 5.10
N LYS A 113 -0.17 -4.06 4.61
CA LYS A 113 0.73 -4.07 3.45
C LYS A 113 1.99 -4.81 3.88
N GLY A 114 2.39 -4.59 5.13
CA GLY A 114 3.56 -5.26 5.67
C GLY A 114 3.34 -6.76 5.70
N TRP A 115 2.12 -7.17 6.02
CA TRP A 115 1.77 -8.57 6.08
C TRP A 115 1.90 -9.14 4.67
N MET A 116 1.51 -8.35 3.67
CA MET A 116 1.59 -8.83 2.30
C MET A 116 3.03 -8.92 1.86
N ASP A 117 3.83 -7.90 2.21
CA ASP A 117 5.22 -7.87 1.82
C ASP A 117 6.05 -8.97 2.49
N ARG A 118 5.80 -9.19 3.77
CA ARG A 118 6.59 -10.16 4.50
C ARG A 118 6.11 -11.60 4.43
N VAL A 119 4.80 -11.80 4.25
CA VAL A 119 4.23 -13.15 4.22
C VAL A 119 4.21 -13.87 2.89
N LEU A 120 3.94 -13.14 1.81
CA LEU A 120 3.89 -13.74 0.48
C LEU A 120 5.24 -13.69 -0.18
N CYS A 121 6.19 -14.51 0.27
CA CYS A 121 7.49 -14.45 -0.36
C CYS A 121 7.64 -15.48 -1.45
N GLN A 122 8.69 -15.30 -2.24
CA GLN A 122 8.98 -16.20 -3.34
C GLN A 122 9.28 -17.58 -2.74
N GLY A 123 8.81 -18.63 -3.41
CA GLY A 123 9.00 -19.96 -2.88
C GLY A 123 7.74 -20.33 -2.14
N PHE A 124 7.12 -19.36 -1.48
CA PHE A 124 5.88 -19.65 -0.76
C PHE A 124 4.60 -19.36 -1.55
N ALA A 125 4.41 -18.10 -1.91
CA ALA A 125 3.21 -17.66 -2.60
C ALA A 125 3.30 -17.70 -4.13
N PHE A 126 4.51 -17.70 -4.65
CA PHE A 126 4.72 -17.74 -6.09
C PHE A 126 6.16 -18.12 -6.38
N ASP A 127 6.42 -18.49 -7.63
CA ASP A 127 7.75 -18.87 -8.06
C ASP A 127 7.96 -18.20 -9.40
N ILE A 128 9.21 -18.07 -9.83
CA ILE A 128 9.50 -17.45 -11.12
C ILE A 128 10.24 -18.45 -11.99
N PRO A 129 9.52 -19.09 -12.93
CA PRO A 129 8.10 -18.88 -13.19
C PRO A 129 7.20 -19.71 -12.28
N GLY A 130 5.93 -19.32 -12.20
CA GLY A 130 4.98 -19.98 -11.34
C GLY A 130 4.24 -18.89 -10.60
N PHE A 131 3.63 -18.00 -11.37
CA PHE A 131 2.86 -16.89 -10.84
C PHE A 131 1.64 -16.70 -11.73
N TYR A 132 0.72 -15.87 -11.25
CA TYR A 132 -0.56 -15.62 -11.92
C TYR A 132 -1.30 -16.95 -11.97
N ASP A 133 -1.65 -17.45 -13.15
CA ASP A 133 -2.39 -18.71 -13.18
C ASP A 133 -1.64 -19.93 -12.67
N SER A 134 -0.33 -19.84 -12.53
CA SER A 134 0.40 -20.99 -12.02
C SER A 134 1.06 -20.62 -10.71
N GLY A 135 0.40 -19.70 -10.00
CA GLY A 135 0.88 -19.24 -8.72
C GLY A 135 0.83 -20.42 -7.79
N LEU A 136 1.57 -20.35 -6.68
CA LEU A 136 1.61 -21.48 -5.75
C LEU A 136 0.38 -21.61 -4.87
N LEU A 137 -0.43 -20.55 -4.81
CA LEU A 137 -1.62 -20.60 -3.97
C LEU A 137 -2.89 -20.86 -4.76
N GLN A 138 -2.74 -21.53 -5.90
CA GLN A 138 -3.90 -21.85 -6.71
C GLN A 138 -4.76 -22.89 -5.98
N GLY A 139 -6.07 -22.75 -6.11
CA GLY A 139 -6.98 -23.65 -5.44
C GLY A 139 -7.59 -22.94 -4.26
N LYS A 140 -7.02 -21.79 -3.89
CA LYS A 140 -7.54 -21.03 -2.77
C LYS A 140 -8.35 -19.81 -3.23
N LEU A 141 -9.26 -19.37 -2.35
CA LEU A 141 -10.10 -18.23 -2.62
C LEU A 141 -9.71 -17.03 -1.77
N ALA A 142 -9.84 -15.84 -2.33
CA ALA A 142 -9.50 -14.62 -1.60
C ALA A 142 -10.63 -13.62 -1.78
N LEU A 143 -10.86 -12.83 -0.74
CA LEU A 143 -11.93 -11.85 -0.81
C LEU A 143 -11.55 -10.60 -0.01
N LEU A 144 -11.74 -9.44 -0.61
CA LEU A 144 -11.45 -8.18 0.07
C LEU A 144 -12.76 -7.57 0.58
N SER A 145 -12.78 -7.25 1.86
CA SER A 145 -13.94 -6.64 2.52
C SER A 145 -13.46 -5.25 2.97
N VAL A 146 -13.78 -4.24 2.17
CA VAL A 146 -13.35 -2.87 2.43
C VAL A 146 -14.42 -1.91 2.89
N THR A 147 -14.08 -1.11 3.90
CA THR A 147 -15.01 -0.09 4.41
C THR A 147 -14.38 1.24 3.97
N THR A 148 -15.21 2.23 3.68
CA THR A 148 -14.69 3.52 3.21
C THR A 148 -15.33 4.72 3.87
N GLY A 149 -14.57 5.80 3.94
CA GLY A 149 -15.09 7.03 4.51
C GLY A 149 -15.85 7.74 3.41
N GLY A 150 -15.41 7.52 2.17
CA GLY A 150 -16.06 8.14 1.01
C GLY A 150 -17.37 7.44 0.68
N THR A 151 -18.19 8.09 -0.15
CA THR A 151 -19.50 7.55 -0.54
C THR A 151 -19.52 6.90 -1.92
N ALA A 152 -20.53 6.06 -2.14
CA ALA A 152 -20.68 5.37 -3.42
C ALA A 152 -20.76 6.38 -4.54
N GLU A 153 -21.35 7.52 -4.24
CA GLU A 153 -21.49 8.62 -5.20
C GLU A 153 -20.08 9.05 -5.61
N MET A 154 -19.29 9.38 -4.60
CA MET A 154 -17.92 9.81 -4.80
C MET A 154 -17.10 8.79 -5.58
N TYR A 155 -17.43 7.51 -5.44
CA TYR A 155 -16.70 6.46 -6.12
C TYR A 155 -17.36 5.95 -7.41
N THR A 156 -17.33 6.80 -8.43
CA THR A 156 -17.90 6.46 -9.72
C THR A 156 -17.03 7.07 -10.80
N LYS A 157 -17.13 6.53 -12.01
CA LYS A 157 -16.34 7.00 -13.16
C LYS A 157 -16.49 8.49 -13.46
N THR A 158 -17.62 9.06 -13.08
CA THR A 158 -17.86 10.48 -13.30
C THR A 158 -17.90 11.18 -11.92
N GLY A 159 -17.07 10.66 -11.01
CA GLY A 159 -16.97 11.19 -9.67
C GLY A 159 -15.52 11.51 -9.42
N VAL A 160 -15.23 12.27 -8.37
CA VAL A 160 -13.85 12.65 -8.05
C VAL A 160 -12.88 11.47 -7.93
N ASN A 161 -13.25 10.51 -7.09
CA ASN A 161 -12.41 9.34 -6.83
C ASN A 161 -12.32 8.26 -7.90
N GLY A 162 -13.12 8.39 -8.95
CA GLY A 162 -13.12 7.38 -9.99
C GLY A 162 -13.85 6.15 -9.45
N ASP A 163 -14.26 5.26 -10.33
CA ASP A 163 -14.95 4.04 -9.92
C ASP A 163 -14.09 3.27 -8.90
N SER A 164 -14.70 2.87 -7.79
CA SER A 164 -13.94 2.17 -6.76
C SER A 164 -13.16 0.97 -7.27
N ARG A 165 -13.53 0.47 -8.45
CA ARG A 165 -12.81 -0.67 -9.01
C ARG A 165 -11.37 -0.36 -9.36
N TYR A 166 -11.11 0.88 -9.78
CA TYR A 166 -9.75 1.28 -10.17
C TYR A 166 -8.70 1.02 -9.11
N PHE A 167 -9.03 1.23 -7.84
CA PHE A 167 -8.04 1.02 -6.80
C PHE A 167 -7.95 -0.41 -6.26
N LEU A 168 -8.68 -1.34 -6.86
CA LEU A 168 -8.62 -2.73 -6.40
C LEU A 168 -7.53 -3.51 -7.19
N TRP A 169 -7.09 -2.92 -8.29
CA TRP A 169 -6.12 -3.53 -9.19
C TRP A 169 -4.81 -4.03 -8.54
N PRO A 170 -4.06 -3.15 -7.89
CA PRO A 170 -2.81 -3.62 -7.28
C PRO A 170 -3.02 -4.78 -6.29
N LEU A 171 -4.12 -4.76 -5.58
CA LEU A 171 -4.39 -5.79 -4.61
C LEU A 171 -4.94 -7.05 -5.24
N GLN A 172 -5.94 -6.90 -6.11
CA GLN A 172 -6.56 -8.07 -6.71
C GLN A 172 -5.74 -8.73 -7.79
N HIS A 173 -5.21 -7.94 -8.70
CA HIS A 173 -4.44 -8.51 -9.78
C HIS A 173 -2.97 -8.59 -9.42
N GLY A 174 -2.43 -7.47 -8.94
CA GLY A 174 -1.03 -7.42 -8.61
C GLY A 174 -0.63 -8.34 -7.47
N THR A 175 -1.53 -8.63 -6.54
CA THR A 175 -1.17 -9.48 -5.41
C THR A 175 -1.81 -10.87 -5.41
N LEU A 176 -3.08 -10.94 -5.05
CA LEU A 176 -3.84 -12.18 -5.00
C LEU A 176 -3.74 -13.06 -6.24
N HIS A 177 -4.08 -12.50 -7.39
CA HIS A 177 -4.06 -13.23 -8.65
C HIS A 177 -2.63 -13.63 -8.98
N PHE A 178 -1.71 -12.69 -8.79
CA PHE A 178 -0.32 -12.98 -9.03
C PHE A 178 0.06 -14.24 -8.23
N CYS A 179 -0.57 -14.44 -7.08
CA CYS A 179 -0.27 -15.61 -6.24
C CYS A 179 -1.15 -16.82 -6.52
N GLY A 180 -2.06 -16.71 -7.47
CA GLY A 180 -2.89 -17.85 -7.77
C GLY A 180 -4.24 -17.90 -7.12
N PHE A 181 -4.54 -16.96 -6.24
CA PHE A 181 -5.87 -16.98 -5.64
C PHE A 181 -6.88 -16.78 -6.74
N LYS A 182 -8.07 -17.33 -6.52
CA LYS A 182 -9.20 -17.12 -7.42
C LYS A 182 -9.82 -15.96 -6.64
N VAL A 183 -10.14 -14.88 -7.31
CA VAL A 183 -10.67 -13.71 -6.63
C VAL A 183 -12.19 -13.57 -6.64
N LEU A 184 -12.81 -13.60 -5.46
CA LEU A 184 -14.26 -13.45 -5.37
C LEU A 184 -14.56 -11.95 -5.42
N ALA A 185 -15.82 -11.61 -5.60
CA ALA A 185 -16.24 -10.21 -5.67
C ALA A 185 -16.01 -9.55 -4.33
N PRO A 186 -15.45 -8.35 -4.35
CA PRO A 186 -15.19 -7.63 -3.10
C PRO A 186 -16.41 -7.08 -2.41
N GLN A 187 -16.34 -7.02 -1.09
CA GLN A 187 -17.42 -6.45 -0.30
C GLN A 187 -16.95 -5.04 0.04
N ILE A 188 -17.70 -4.05 -0.43
CA ILE A 188 -17.35 -2.67 -0.18
C ILE A 188 -18.48 -1.95 0.55
N SER A 189 -18.30 -1.73 1.83
CA SER A 189 -19.30 -1.02 2.63
C SER A 189 -18.91 0.45 2.57
N PHE A 190 -19.68 1.24 1.83
CA PHE A 190 -19.42 2.66 1.71
C PHE A 190 -19.84 3.52 2.91
N ALA A 191 -19.12 4.63 3.07
CA ALA A 191 -19.34 5.63 4.12
C ALA A 191 -20.16 5.24 5.36
N PRO A 192 -19.69 4.24 6.12
CA PRO A 192 -20.41 3.81 7.32
C PRO A 192 -20.50 4.88 8.39
N GLU A 193 -19.45 5.71 8.49
CA GLU A 193 -19.39 6.78 9.47
C GLU A 193 -20.48 7.82 9.19
N ILE A 194 -20.90 7.85 7.93
CA ILE A 194 -21.92 8.79 7.48
C ILE A 194 -23.33 8.23 7.55
N ALA A 195 -23.53 7.02 7.01
CA ALA A 195 -24.84 6.40 7.01
C ALA A 195 -25.48 6.34 8.39
N SER A 196 -26.81 6.30 8.40
CA SER A 196 -27.60 6.24 9.63
C SER A 196 -27.62 4.80 10.14
N GLU A 197 -28.15 4.61 11.35
CA GLU A 197 -28.24 3.26 11.92
C GLU A 197 -28.94 2.30 10.97
N GLU A 198 -30.05 2.73 10.39
CA GLU A 198 -30.79 1.89 9.46
C GLU A 198 -30.07 1.69 8.12
N GLU A 199 -28.77 1.88 8.15
CA GLU A 199 -27.93 1.72 6.98
C GLU A 199 -26.71 0.91 7.43
N ARG A 200 -26.05 1.36 8.48
CA ARG A 200 -24.90 0.66 9.01
C ARG A 200 -25.34 -0.75 9.45
N LYS A 201 -26.63 -0.92 9.67
CA LYS A 201 -27.19 -2.21 10.07
C LYS A 201 -27.66 -2.99 8.85
N GLY A 202 -27.86 -2.27 7.76
CA GLY A 202 -28.29 -2.91 6.53
C GLY A 202 -27.07 -3.45 5.81
N MET A 203 -25.95 -2.73 5.91
CA MET A 203 -24.71 -3.16 5.28
C MET A 203 -24.25 -4.47 5.94
N VAL A 204 -24.21 -4.48 7.26
CA VAL A 204 -23.83 -5.65 8.02
C VAL A 204 -24.69 -6.83 7.57
N ALA A 205 -25.99 -6.62 7.56
CA ALA A 205 -26.92 -7.65 7.15
C ALA A 205 -26.47 -8.22 5.82
N ALA A 206 -26.18 -7.33 4.87
CA ALA A 206 -25.73 -7.72 3.55
C ALA A 206 -24.48 -8.60 3.64
N TRP A 207 -23.54 -8.20 4.48
CA TRP A 207 -22.31 -8.98 4.67
C TRP A 207 -22.70 -10.35 5.19
N SER A 208 -23.45 -10.35 6.28
CA SER A 208 -23.89 -11.60 6.89
C SER A 208 -24.62 -12.45 5.87
N GLN A 209 -25.72 -11.92 5.35
CA GLN A 209 -26.50 -12.68 4.39
C GLN A 209 -25.59 -13.16 3.27
N ARG A 210 -24.64 -12.35 2.86
CA ARG A 210 -23.74 -12.77 1.79
C ARG A 210 -22.86 -13.93 2.20
N LEU A 211 -22.35 -13.88 3.43
CA LEU A 211 -21.49 -14.94 3.93
C LEU A 211 -22.22 -16.27 3.99
N GLN A 212 -23.55 -16.21 4.08
CA GLN A 212 -24.35 -17.42 4.14
C GLN A 212 -24.24 -18.33 2.92
N THR A 213 -23.84 -17.78 1.78
CA THR A 213 -23.74 -18.59 0.58
C THR A 213 -22.38 -18.45 -0.07
N ILE A 214 -21.45 -17.85 0.67
CA ILE A 214 -20.10 -17.62 0.17
C ILE A 214 -19.48 -18.77 -0.64
N TRP A 215 -19.66 -20.00 -0.20
CA TRP A 215 -19.11 -21.17 -0.88
C TRP A 215 -19.81 -21.45 -2.20
N LYS A 216 -20.88 -20.70 -2.44
CA LYS A 216 -21.66 -20.85 -3.67
C LYS A 216 -21.04 -20.06 -4.80
N GLU A 217 -20.30 -19.01 -4.44
CA GLU A 217 -19.67 -18.13 -5.42
C GLU A 217 -18.56 -18.64 -6.33
N GLU A 218 -18.41 -17.94 -7.45
CA GLU A 218 -17.38 -18.19 -8.47
C GLU A 218 -16.46 -16.97 -8.52
N PRO A 219 -15.18 -17.18 -8.86
CA PRO A 219 -14.29 -16.02 -8.91
C PRO A 219 -14.61 -15.05 -10.06
N ILE A 220 -14.11 -13.83 -9.94
CA ILE A 220 -14.30 -12.81 -10.94
C ILE A 220 -13.17 -12.93 -11.93
N PRO A 221 -13.32 -12.35 -13.13
CA PRO A 221 -12.25 -12.41 -14.12
C PRO A 221 -11.36 -11.21 -13.79
N CYS A 222 -10.24 -11.50 -13.13
CA CYS A 222 -9.30 -10.47 -12.71
C CYS A 222 -8.53 -9.92 -13.92
N THR A 223 -9.18 -9.02 -14.63
CA THR A 223 -8.61 -8.43 -15.84
C THR A 223 -8.71 -6.92 -15.80
N ALA A 224 -7.98 -6.29 -16.72
CA ALA A 224 -8.00 -4.85 -16.82
C ALA A 224 -9.39 -4.40 -17.21
N HIS A 225 -10.07 -5.17 -18.07
CA HIS A 225 -11.41 -4.78 -18.48
C HIS A 225 -12.36 -4.77 -17.28
N TRP A 226 -12.26 -5.79 -16.46
CA TRP A 226 -13.11 -5.84 -15.30
C TRP A 226 -12.87 -4.63 -14.40
N HIS A 227 -11.60 -4.26 -14.21
CA HIS A 227 -11.24 -3.16 -13.33
C HIS A 227 -11.43 -1.75 -13.90
N PHE A 228 -10.99 -1.57 -15.14
CA PHE A 228 -11.04 -0.27 -15.79
C PHE A 228 -11.98 -0.16 -16.97
N GLY A 229 -12.86 -1.14 -17.15
CA GLY A 229 -13.77 -1.09 -18.28
C GLY A 229 -12.95 -1.00 -19.54
N GLN A 230 -13.23 0.02 -20.34
CA GLN A 230 -12.50 0.20 -21.60
C GLN A 230 -12.12 1.67 -21.78
N ALA B 1 11.62 29.07 0.75
CA ALA B 1 11.72 29.93 -0.45
C ALA B 1 11.77 29.12 -1.77
N GLY B 2 12.72 29.46 -2.64
CA GLY B 2 12.83 28.77 -3.91
C GLY B 2 13.63 27.47 -3.88
N LYS B 3 13.09 26.47 -4.59
CA LYS B 3 13.66 25.12 -4.74
C LYS B 3 14.15 24.31 -3.54
N LYS B 4 13.21 23.93 -2.67
CA LYS B 4 13.53 23.08 -1.51
C LYS B 4 13.03 21.69 -1.89
N VAL B 5 13.85 20.67 -1.68
CA VAL B 5 13.46 19.32 -2.04
C VAL B 5 13.52 18.34 -0.88
N LEU B 6 12.47 17.52 -0.77
CA LEU B 6 12.41 16.47 0.25
C LEU B 6 12.38 15.14 -0.46
N ILE B 7 13.33 14.27 -0.12
CA ILE B 7 13.37 12.93 -0.72
C ILE B 7 12.99 11.86 0.30
N VAL B 8 11.93 11.13 0.02
CA VAL B 8 11.51 10.05 0.91
C VAL B 8 12.06 8.79 0.27
N TYR B 9 13.11 8.26 0.91
CA TYR B 9 13.82 7.09 0.45
C TYR B 9 13.34 5.87 1.20
N ALA B 10 13.00 4.81 0.49
CA ALA B 10 12.52 3.59 1.13
C ALA B 10 13.20 2.32 0.69
N HIS B 11 14.47 2.17 1.04
CA HIS B 11 15.21 0.95 0.70
C HIS B 11 16.15 0.64 1.86
N GLN B 12 16.38 -0.65 2.11
CA GLN B 12 17.24 -1.09 3.21
C GLN B 12 18.76 -1.10 2.96
N GLU B 13 19.15 -1.17 1.69
CA GLU B 13 20.57 -1.25 1.36
C GLU B 13 21.15 -0.01 0.66
N PRO B 14 22.16 0.63 1.28
CA PRO B 14 22.76 1.83 0.68
C PRO B 14 23.44 1.57 -0.66
N LYS B 15 23.92 0.34 -0.87
CA LYS B 15 24.60 0.00 -2.12
C LYS B 15 23.63 -0.52 -3.18
N SER B 16 22.34 -0.43 -2.89
CA SER B 16 21.34 -0.92 -3.83
C SER B 16 21.16 0.07 -4.97
N PHE B 17 20.51 -0.39 -6.02
CA PHE B 17 20.23 0.48 -7.15
C PHE B 17 19.47 1.68 -6.58
N ASN B 18 18.47 1.38 -5.76
CA ASN B 18 17.64 2.40 -5.16
C ASN B 18 18.53 3.38 -4.42
N GLY B 19 19.59 2.87 -3.79
CA GLY B 19 20.49 3.73 -3.07
C GLY B 19 21.18 4.72 -3.98
N SER B 20 21.46 4.32 -5.20
CA SER B 20 22.17 5.22 -6.09
C SER B 20 21.29 6.27 -6.73
N LEU B 21 20.12 5.85 -7.20
CA LEU B 21 19.22 6.80 -7.77
C LEU B 21 19.07 7.94 -6.76
N LYS B 22 19.04 7.56 -5.48
CA LYS B 22 18.87 8.51 -4.40
C LYS B 22 20.11 9.39 -4.21
N ASN B 23 21.31 8.79 -4.29
CA ASN B 23 22.53 9.58 -4.12
C ASN B 23 22.74 10.53 -5.29
N VAL B 24 22.47 10.06 -6.51
CA VAL B 24 22.66 10.93 -7.67
C VAL B 24 21.64 12.04 -7.63
N ALA B 25 20.46 11.75 -7.11
CA ALA B 25 19.43 12.76 -7.01
C ALA B 25 19.94 13.83 -6.07
N VAL B 26 20.38 13.42 -4.89
CA VAL B 26 20.88 14.34 -3.89
C VAL B 26 22.02 15.22 -4.43
N ASP B 27 22.97 14.61 -5.12
CA ASP B 27 24.10 15.35 -5.65
C ASP B 27 23.72 16.29 -6.77
N GLU B 28 22.95 15.79 -7.74
CA GLU B 28 22.55 16.60 -8.87
C GLU B 28 21.67 17.77 -8.48
N LEU B 29 20.75 17.56 -7.55
CA LEU B 29 19.87 18.65 -7.13
C LEU B 29 20.60 19.69 -6.29
N SER B 30 21.55 19.24 -5.47
CA SER B 30 22.31 20.12 -4.61
C SER B 30 23.21 20.99 -5.49
N ARG B 31 23.78 20.38 -6.53
CA ARG B 31 24.67 21.09 -7.45
C ARG B 31 23.96 22.24 -8.17
N GLN B 32 22.68 22.07 -8.48
CA GLN B 32 21.91 23.10 -9.16
C GLN B 32 21.53 24.18 -8.14
N GLY B 33 21.98 24.01 -6.90
CA GLY B 33 21.67 24.99 -5.87
C GLY B 33 20.41 24.71 -5.05
N CYS B 34 19.85 23.51 -5.18
CA CYS B 34 18.64 23.15 -4.45
C CYS B 34 18.94 22.77 -3.02
N THR B 35 17.98 23.01 -2.14
CA THR B 35 18.10 22.67 -0.72
C THR B 35 17.48 21.27 -0.54
N VAL B 36 18.31 20.27 -0.28
CA VAL B 36 17.85 18.87 -0.17
C VAL B 36 17.84 18.24 1.21
N THR B 37 16.75 17.55 1.51
CA THR B 37 16.58 16.85 2.79
C THR B 37 16.17 15.42 2.48
N VAL B 38 16.78 14.44 3.16
CA VAL B 38 16.46 13.03 2.95
C VAL B 38 15.83 12.37 4.15
N SER B 39 14.87 11.50 3.91
CA SER B 39 14.21 10.74 4.97
C SER B 39 14.44 9.27 4.64
N ASP B 40 15.48 8.67 5.22
CA ASP B 40 15.77 7.26 4.99
C ASP B 40 14.90 6.56 6.01
N LEU B 41 13.68 6.22 5.60
CA LEU B 41 12.75 5.59 6.53
C LEU B 41 13.33 4.38 7.27
N TYR B 42 14.13 3.56 6.58
CA TYR B 42 14.71 2.38 7.21
C TYR B 42 15.78 2.70 8.25
N ALA B 43 16.64 3.69 7.98
CA ALA B 43 17.67 4.05 8.96
C ALA B 43 17.03 4.71 10.17
N MET B 44 15.92 5.41 9.94
CA MET B 44 15.17 6.07 11.02
C MET B 44 14.39 5.00 11.76
N ASN B 45 14.17 3.89 11.08
CA ASN B 45 13.38 2.81 11.65
C ASN B 45 11.98 3.38 11.87
N PHE B 46 11.50 4.08 10.85
CA PHE B 46 10.20 4.73 10.82
C PHE B 46 9.04 3.80 11.21
N GLU B 47 8.19 4.31 12.08
CA GLU B 47 7.03 3.57 12.56
C GLU B 47 5.89 3.71 11.58
N PRO B 48 5.47 2.60 10.96
CA PRO B 48 4.38 2.66 10.00
C PRO B 48 3.00 2.31 10.56
N ARG B 49 2.95 1.74 11.76
CA ARG B 49 1.67 1.35 12.36
C ARG B 49 0.84 2.54 12.82
N ALA B 50 -0.42 2.59 12.39
CA ALA B 50 -1.33 3.67 12.79
C ALA B 50 -1.97 3.34 14.14
N THR B 51 -1.30 3.69 15.23
CA THR B 51 -1.82 3.41 16.56
C THR B 51 -1.96 4.59 17.53
N ASP B 52 -2.47 4.28 18.71
CA ASP B 52 -2.68 5.26 19.77
C ASP B 52 -1.36 5.90 20.20
N LYS B 53 -0.27 5.14 20.08
CA LYS B 53 1.04 5.66 20.48
C LYS B 53 1.45 6.84 19.58
N ASP B 54 0.65 7.11 18.55
CA ASP B 54 0.92 8.21 17.63
C ASP B 54 0.50 9.54 18.24
N ILE B 55 -0.24 9.45 19.34
CA ILE B 55 -0.73 10.63 20.07
C ILE B 55 -0.08 10.76 21.45
N THR B 56 0.58 11.88 21.69
CA THR B 56 1.22 12.11 22.98
C THR B 56 0.17 12.68 23.91
N GLY B 57 0.13 12.19 25.14
CA GLY B 57 -0.85 12.67 26.09
C GLY B 57 -2.00 11.68 26.17
N THR B 58 -3.11 12.11 26.76
CA THR B 58 -4.26 11.24 26.91
C THR B 58 -5.31 11.47 25.82
N LEU B 59 -5.70 10.38 25.17
CA LEU B 59 -6.67 10.42 24.08
C LEU B 59 -7.93 11.26 24.31
N SER B 60 -8.53 11.70 23.22
CA SER B 60 -9.75 12.52 23.26
C SER B 60 -10.97 11.60 23.23
N ASN B 61 -10.81 10.44 23.85
CA ASN B 61 -11.84 9.41 23.96
C ASN B 61 -11.22 8.02 23.86
N PRO B 62 -10.34 7.68 24.82
CA PRO B 62 -9.70 6.37 24.80
C PRO B 62 -10.70 5.22 24.91
N GLU B 63 -11.95 5.55 25.24
CA GLU B 63 -13.00 4.55 25.36
C GLU B 63 -13.26 3.86 24.03
N VAL B 64 -13.33 4.64 22.97
CA VAL B 64 -13.51 4.08 21.63
C VAL B 64 -12.51 4.82 20.73
N PHE B 65 -11.47 4.11 20.33
CA PHE B 65 -10.41 4.68 19.50
C PHE B 65 -10.72 4.70 18.00
N ASN B 66 -10.58 5.89 17.41
CA ASN B 66 -10.79 6.10 15.97
C ASN B 66 -9.59 6.91 15.50
N TYR B 67 -8.68 6.26 14.77
CA TYR B 67 -7.47 6.89 14.29
C TYR B 67 -7.62 8.23 13.55
N GLY B 68 -8.46 8.27 12.53
CA GLY B 68 -8.63 9.51 11.81
C GLY B 68 -8.97 10.64 12.76
N VAL B 69 -10.13 10.51 13.40
CA VAL B 69 -10.60 11.50 14.35
C VAL B 69 -9.50 11.95 15.31
N GLU B 70 -9.00 11.00 16.11
CA GLU B 70 -7.96 11.29 17.10
C GLU B 70 -6.75 12.08 16.62
N THR B 71 -6.22 11.76 15.44
CA THR B 71 -5.04 12.48 14.95
C THR B 71 -5.35 13.88 14.47
N HIS B 72 -6.55 14.08 13.96
CA HIS B 72 -6.96 15.39 13.48
C HIS B 72 -6.91 16.36 14.67
N GLU B 73 -7.41 15.88 15.80
CA GLU B 73 -7.42 16.66 17.02
C GLU B 73 -6.02 16.84 17.57
N ALA B 74 -5.28 15.74 17.71
CA ALA B 74 -3.93 15.82 18.22
C ALA B 74 -3.19 16.84 17.39
N TYR B 75 -3.48 16.85 16.10
CA TYR B 75 -2.82 17.78 15.20
C TYR B 75 -3.20 19.21 15.52
N LYS B 76 -4.50 19.44 15.75
CA LYS B 76 -4.99 20.77 16.07
C LYS B 76 -4.44 21.28 17.39
N GLN B 77 -4.37 20.42 18.41
CA GLN B 77 -3.84 20.85 19.69
C GLN B 77 -2.32 20.58 19.79
N ARG B 78 -1.69 20.41 18.63
CA ARG B 78 -0.25 20.12 18.53
C ARG B 78 0.23 19.11 19.57
N SER B 79 -0.23 17.87 19.42
CA SER B 79 0.13 16.79 20.34
C SER B 79 0.47 15.47 19.63
N LEU B 80 0.85 15.55 18.36
CA LEU B 80 1.20 14.35 17.60
C LEU B 80 2.60 13.92 18.00
N ALA B 81 2.94 12.66 17.78
CA ALA B 81 4.27 12.14 18.12
C ALA B 81 5.34 12.99 17.41
N SER B 82 6.52 13.08 18.01
CA SER B 82 7.58 13.91 17.44
C SER B 82 8.02 13.49 16.04
N ASP B 83 7.94 12.20 15.73
CA ASP B 83 8.36 11.72 14.41
C ASP B 83 7.41 12.17 13.30
N ILE B 84 6.10 12.21 13.58
CA ILE B 84 5.11 12.67 12.60
C ILE B 84 5.31 14.18 12.43
N THR B 85 5.60 14.84 13.54
CA THR B 85 5.85 16.28 13.54
C THR B 85 7.05 16.61 12.67
N ASP B 86 8.15 15.89 12.87
CA ASP B 86 9.33 16.16 12.07
C ASP B 86 9.08 16.02 10.58
N GLU B 87 8.39 14.95 10.17
CA GLU B 87 8.14 14.77 8.76
C GLU B 87 7.26 15.88 8.24
N GLN B 88 6.20 16.18 8.95
CA GLN B 88 5.28 17.24 8.52
C GLN B 88 6.02 18.55 8.30
N LYS B 89 6.90 18.91 9.23
CA LYS B 89 7.65 20.15 9.08
C LYS B 89 8.51 20.08 7.81
N LYS B 90 9.03 18.90 7.52
CA LYS B 90 9.84 18.72 6.33
C LYS B 90 9.01 18.89 5.06
N VAL B 91 7.79 18.35 5.07
CA VAL B 91 6.91 18.44 3.91
C VAL B 91 6.50 19.90 3.69
N ARG B 92 6.05 20.51 4.78
CA ARG B 92 5.62 21.89 4.77
C ARG B 92 6.63 22.84 4.08
N GLU B 93 7.92 22.60 4.27
CA GLU B 93 8.95 23.45 3.69
C GLU B 93 9.32 23.13 2.25
N ALA B 94 9.07 21.90 1.82
CA ALA B 94 9.45 21.48 0.46
C ALA B 94 8.57 22.02 -0.66
N ASP B 95 9.18 22.23 -1.82
CA ASP B 95 8.47 22.71 -2.99
C ASP B 95 8.23 21.49 -3.87
N LEU B 96 9.12 20.51 -3.72
CA LEU B 96 9.07 19.27 -4.47
C LEU B 96 9.41 18.12 -3.53
N VAL B 97 8.64 17.05 -3.64
CA VAL B 97 8.83 15.86 -2.84
C VAL B 97 9.02 14.67 -3.75
N ILE B 98 10.10 13.94 -3.53
CA ILE B 98 10.35 12.76 -4.36
C ILE B 98 10.28 11.51 -3.53
N PHE B 99 9.60 10.51 -4.08
CA PHE B 99 9.48 9.25 -3.41
C PHE B 99 10.31 8.29 -4.20
N GLN B 100 11.36 7.79 -3.55
CA GLN B 100 12.31 6.83 -4.14
C GLN B 100 12.08 5.48 -3.44
N PHE B 101 11.58 4.48 -4.17
CA PHE B 101 11.30 3.18 -3.59
C PHE B 101 11.16 2.05 -4.63
N PRO B 102 11.34 0.80 -4.20
CA PRO B 102 11.19 -0.33 -5.11
C PRO B 102 9.70 -0.67 -5.05
N LEU B 103 9.14 -1.16 -6.15
CA LEU B 103 7.72 -1.52 -6.18
C LEU B 103 7.48 -2.80 -5.41
N TYR B 104 6.54 -2.77 -4.46
CA TYR B 104 6.18 -3.94 -3.65
C TYR B 104 4.71 -4.22 -3.82
N TRP B 105 4.40 -5.35 -4.46
CA TRP B 105 3.02 -5.70 -4.72
C TRP B 105 2.26 -4.52 -5.37
N PHE B 106 2.84 -4.00 -6.46
CA PHE B 106 2.22 -2.92 -7.21
C PHE B 106 1.99 -1.65 -6.40
N SER B 107 2.75 -1.47 -5.32
CA SER B 107 2.56 -0.30 -4.49
C SER B 107 3.87 0.08 -3.79
N VAL B 108 3.76 0.73 -2.65
CA VAL B 108 4.94 1.13 -1.90
C VAL B 108 5.21 0.15 -0.76
N PRO B 109 6.47 0.04 -0.32
CA PRO B 109 6.81 -0.86 0.78
C PRO B 109 5.98 -0.43 1.99
N ALA B 110 5.61 -1.36 2.85
CA ALA B 110 4.80 -0.99 4.02
C ALA B 110 5.30 0.25 4.77
N ILE B 111 6.61 0.34 4.97
CA ILE B 111 7.20 1.45 5.72
C ILE B 111 6.90 2.81 5.09
N LEU B 112 6.85 2.88 3.76
CA LEU B 112 6.55 4.14 3.09
C LEU B 112 5.02 4.35 3.10
N LYS B 113 4.27 3.26 3.13
CA LYS B 113 2.83 3.36 3.20
C LYS B 113 2.46 3.91 4.58
N GLY B 114 3.25 3.58 5.60
CA GLY B 114 2.98 4.07 6.94
C GLY B 114 3.21 5.57 7.00
N TRP B 115 4.32 5.99 6.41
CA TRP B 115 4.67 7.40 6.38
C TRP B 115 3.45 8.17 5.92
N MET B 116 2.87 7.75 4.81
CA MET B 116 1.71 8.45 4.26
C MET B 116 0.50 8.37 5.17
N ASP B 117 0.26 7.18 5.67
CA ASP B 117 -0.85 6.96 6.56
C ASP B 117 -0.75 7.87 7.79
N ARG B 118 0.46 8.11 8.26
CA ARG B 118 0.62 8.91 9.47
C ARG B 118 1.01 10.38 9.33
N VAL B 119 1.70 10.73 8.25
CA VAL B 119 2.17 12.09 8.04
C VAL B 119 1.15 12.99 7.36
N LEU B 120 0.38 12.41 6.45
CA LEU B 120 -0.62 13.17 5.72
C LEU B 120 -1.93 12.98 6.44
N CYS B 121 -2.07 13.63 7.60
CA CYS B 121 -3.29 13.51 8.39
C CYS B 121 -4.23 14.67 8.13
N GLN B 122 -5.48 14.48 8.49
CA GLN B 122 -6.50 15.50 8.31
C GLN B 122 -6.05 16.73 9.07
N GLY B 123 -6.16 17.89 8.44
CA GLY B 123 -5.74 19.12 9.08
C GLY B 123 -4.40 19.57 8.57
N PHE B 124 -3.59 18.63 8.10
CA PHE B 124 -2.27 18.96 7.59
C PHE B 124 -2.20 18.91 6.08
N ALA B 125 -2.54 17.76 5.49
CA ALA B 125 -2.45 17.63 4.03
C ALA B 125 -3.78 17.83 3.31
N PHE B 126 -4.87 17.85 4.05
CA PHE B 126 -6.18 17.99 3.44
C PHE B 126 -7.19 18.11 4.56
N ASP B 127 -8.42 18.44 4.19
CA ASP B 127 -9.48 18.54 5.16
C ASP B 127 -10.75 17.98 4.55
N ILE B 128 -11.78 17.87 5.37
CA ILE B 128 -13.06 17.34 4.93
C ILE B 128 -14.16 18.39 5.13
N PRO B 129 -14.53 19.11 4.06
CA PRO B 129 -13.93 18.95 2.73
C PRO B 129 -12.65 19.78 2.64
N GLY B 130 -11.96 19.66 1.51
CA GLY B 130 -10.73 20.40 1.32
C GLY B 130 -9.72 19.43 0.78
N PHE B 131 -9.91 19.02 -0.47
CA PHE B 131 -9.01 18.07 -1.09
C PHE B 131 -8.88 18.19 -2.61
N TYR B 132 -7.95 17.43 -3.17
CA TYR B 132 -7.63 17.49 -4.59
C TYR B 132 -7.21 18.91 -4.92
N ASP B 133 -8.03 19.65 -5.64
CA ASP B 133 -7.66 21.02 -5.97
C ASP B 133 -7.73 21.97 -4.77
N SER B 134 -8.50 21.58 -3.76
CA SER B 134 -8.61 22.39 -2.56
C SER B 134 -7.90 21.69 -1.40
N GLY B 135 -6.91 20.86 -1.74
CA GLY B 135 -6.14 20.16 -0.73
C GLY B 135 -5.15 21.13 -0.11
N LEU B 136 -4.82 20.91 1.16
CA LEU B 136 -3.93 21.81 1.88
C LEU B 136 -2.48 21.87 1.44
N LEU B 137 -2.08 21.04 0.47
CA LEU B 137 -0.70 21.07 0.02
C LEU B 137 -0.59 21.58 -1.41
N GLN B 138 -1.72 22.06 -1.93
CA GLN B 138 -1.79 22.62 -3.27
C GLN B 138 -0.58 23.53 -3.52
N GLY B 139 0.06 23.38 -4.67
CA GLY B 139 1.19 24.24 -4.95
C GLY B 139 2.57 23.65 -4.84
N LYS B 140 2.68 22.37 -4.45
CA LYS B 140 3.99 21.71 -4.35
C LYS B 140 4.04 20.71 -5.49
N LEU B 141 5.21 20.14 -5.75
CA LEU B 141 5.38 19.12 -6.81
C LEU B 141 5.78 17.76 -6.26
N ALA B 142 5.19 16.71 -6.81
CA ALA B 142 5.53 15.36 -6.37
C ALA B 142 6.02 14.52 -7.55
N LEU B 143 6.89 13.56 -7.25
CA LEU B 143 7.40 12.68 -8.29
C LEU B 143 7.66 11.31 -7.69
N LEU B 144 7.34 10.25 -8.43
CA LEU B 144 7.59 8.91 -7.96
C LEU B 144 8.74 8.29 -8.73
N SER B 145 9.79 7.89 -8.01
CA SER B 145 10.93 7.26 -8.66
C SER B 145 10.86 5.80 -8.25
N VAL B 146 10.44 4.97 -9.19
CA VAL B 146 10.23 3.55 -8.94
C VAL B 146 11.11 2.54 -9.64
N THR B 147 11.52 1.50 -8.91
CA THR B 147 12.29 0.41 -9.53
C THR B 147 11.39 -0.84 -9.45
N THR B 148 11.52 -1.73 -10.41
CA THR B 148 10.67 -2.91 -10.44
C THR B 148 11.42 -4.23 -10.59
N GLY B 149 10.72 -5.32 -10.36
CA GLY B 149 11.30 -6.62 -10.57
C GLY B 149 10.92 -6.96 -12.00
N GLY B 150 9.70 -6.62 -12.39
CA GLY B 150 9.22 -6.90 -13.73
C GLY B 150 9.92 -6.11 -14.83
N THR B 151 9.96 -6.67 -16.03
CA THR B 151 10.59 -6.04 -17.19
C THR B 151 9.59 -5.17 -17.92
N ALA B 152 10.08 -4.31 -18.80
CA ALA B 152 9.24 -3.39 -19.58
C ALA B 152 8.04 -4.01 -20.27
N GLU B 153 8.26 -5.06 -21.07
CA GLU B 153 7.16 -5.71 -21.77
C GLU B 153 6.07 -6.25 -20.84
N MET B 154 6.46 -6.70 -19.65
CA MET B 154 5.51 -7.23 -18.69
C MET B 154 4.54 -6.15 -18.27
N TYR B 155 5.01 -4.91 -18.33
CA TYR B 155 4.22 -3.74 -17.95
C TYR B 155 3.58 -2.98 -19.12
N THR B 156 2.92 -3.73 -19.99
CA THR B 156 2.23 -3.14 -21.13
C THR B 156 0.84 -3.74 -21.17
N LYS B 157 -0.02 -3.16 -21.99
CA LYS B 157 -1.39 -3.64 -22.13
C LYS B 157 -1.44 -5.13 -22.51
N THR B 158 -0.37 -5.64 -23.11
CA THR B 158 -0.33 -7.04 -23.51
C THR B 158 0.48 -7.93 -22.55
N GLY B 159 1.25 -7.29 -21.68
CA GLY B 159 2.05 -8.04 -20.74
C GLY B 159 1.16 -8.56 -19.63
N VAL B 160 1.71 -9.41 -18.78
CA VAL B 160 0.93 -9.98 -17.68
C VAL B 160 0.59 -9.03 -16.53
N ASN B 161 1.34 -7.93 -16.41
CA ASN B 161 1.05 -6.97 -15.33
C ASN B 161 0.19 -5.78 -15.75
N GLY B 162 -0.07 -5.63 -17.04
CA GLY B 162 -0.86 -4.49 -17.47
C GLY B 162 -0.01 -3.23 -17.42
N ASP B 163 -0.45 -2.18 -18.09
CA ASP B 163 0.28 -0.91 -18.12
C ASP B 163 0.54 -0.34 -16.73
N SER B 164 1.78 0.09 -16.51
CA SER B 164 2.23 0.66 -15.24
C SER B 164 1.37 1.80 -14.73
N ARG B 165 0.73 2.51 -15.63
CA ARG B 165 -0.12 3.61 -15.19
C ARG B 165 -1.23 3.09 -14.29
N TYR B 166 -1.58 1.81 -14.44
CA TYR B 166 -2.64 1.25 -13.63
C TYR B 166 -2.37 1.22 -12.15
N PHE B 167 -1.14 0.88 -11.76
CA PHE B 167 -0.83 0.84 -10.33
C PHE B 167 -0.41 2.21 -9.82
N LEU B 168 -0.22 3.15 -10.73
CA LEU B 168 0.17 4.49 -10.31
C LEU B 168 -1.03 5.26 -9.75
N TRP B 169 -2.22 4.88 -10.21
CA TRP B 169 -3.46 5.53 -9.80
C TRP B 169 -3.60 5.79 -8.30
N PRO B 170 -3.55 4.74 -7.46
CA PRO B 170 -3.69 4.94 -6.01
C PRO B 170 -2.68 5.93 -5.40
N LEU B 171 -1.43 5.85 -5.87
CA LEU B 171 -0.38 6.71 -5.34
C LEU B 171 -0.51 8.13 -5.87
N GLN B 172 -0.48 8.24 -7.18
CA GLN B 172 -0.55 9.52 -7.87
C GLN B 172 -1.86 10.29 -7.71
N HIS B 173 -2.99 9.61 -7.88
CA HIS B 173 -4.27 10.29 -7.77
C HIS B 173 -4.91 10.21 -6.39
N GLY B 174 -5.05 9.00 -5.87
CA GLY B 174 -5.67 8.83 -4.57
C GLY B 174 -4.90 9.45 -3.42
N THR B 175 -3.61 9.64 -3.59
CA THR B 175 -2.87 10.21 -2.50
C THR B 175 -2.34 11.63 -2.73
N LEU B 176 -1.42 11.75 -3.68
CA LEU B 176 -0.81 13.02 -3.98
C LEU B 176 -1.77 14.08 -4.51
N HIS B 177 -2.42 13.80 -5.63
CA HIS B 177 -3.35 14.77 -6.19
C HIS B 177 -4.38 15.11 -5.11
N PHE B 178 -4.83 14.10 -4.39
CA PHE B 178 -5.80 14.32 -3.34
C PHE B 178 -5.29 15.33 -2.30
N CYS B 179 -3.99 15.32 -2.01
CA CYS B 179 -3.46 16.25 -1.04
C CYS B 179 -3.16 17.60 -1.69
N GLY B 180 -3.51 17.74 -2.95
CA GLY B 180 -3.28 18.98 -3.65
C GLY B 180 -1.97 19.11 -4.40
N PHE B 181 -1.15 18.06 -4.41
CA PHE B 181 0.11 18.14 -5.13
C PHE B 181 -0.12 18.19 -6.63
N LYS B 182 0.88 18.73 -7.34
CA LYS B 182 0.89 18.78 -8.79
C LYS B 182 1.86 17.62 -9.07
N VAL B 183 1.44 16.69 -9.91
CA VAL B 183 2.24 15.48 -10.18
C VAL B 183 3.02 15.38 -11.48
N LEU B 184 4.34 15.29 -11.38
CA LEU B 184 5.18 15.17 -12.56
C LEU B 184 5.17 13.71 -13.00
N ALA B 185 5.46 13.46 -14.27
CA ALA B 185 5.47 12.10 -14.77
C ALA B 185 6.42 11.28 -13.91
N PRO B 186 6.04 10.04 -13.60
CA PRO B 186 6.83 9.14 -12.78
C PRO B 186 8.09 8.64 -13.48
N GLN B 187 9.12 8.38 -12.70
CA GLN B 187 10.38 7.86 -13.22
C GLN B 187 10.36 6.39 -12.83
N ILE B 188 10.37 5.50 -13.82
CA ILE B 188 10.34 4.07 -13.57
C ILE B 188 11.55 3.39 -14.15
N SER B 189 12.31 2.70 -13.32
CA SER B 189 13.49 1.97 -13.77
C SER B 189 13.15 0.48 -13.77
N PHE B 190 12.99 -0.11 -14.95
CA PHE B 190 12.64 -1.52 -15.10
C PHE B 190 13.72 -2.55 -14.85
N ALA B 191 13.42 -3.49 -13.95
CA ALA B 191 14.32 -4.60 -13.60
C ALA B 191 15.83 -4.37 -13.50
N PRO B 192 16.26 -3.45 -12.63
CA PRO B 192 17.70 -3.21 -12.50
C PRO B 192 18.54 -4.45 -12.15
N GLU B 193 17.92 -5.47 -11.60
CA GLU B 193 18.64 -6.69 -11.22
C GLU B 193 18.98 -7.56 -12.43
N ILE B 194 18.01 -7.72 -13.34
CA ILE B 194 18.22 -8.50 -14.55
C ILE B 194 19.12 -7.73 -15.52
N ALA B 195 19.05 -6.41 -15.48
CA ALA B 195 19.88 -5.58 -16.36
C ALA B 195 21.35 -5.83 -16.08
N SER B 196 22.21 -5.26 -16.91
CA SER B 196 23.66 -5.42 -16.75
C SER B 196 24.30 -4.16 -16.17
N GLU B 197 25.54 -4.29 -15.68
CA GLU B 197 26.25 -3.14 -15.12
C GLU B 197 26.06 -2.01 -16.11
N GLU B 198 26.39 -2.31 -17.37
CA GLU B 198 26.29 -1.34 -18.45
C GLU B 198 24.91 -0.67 -18.54
N GLU B 199 23.86 -1.49 -18.54
CA GLU B 199 22.48 -1.02 -18.63
C GLU B 199 22.02 -0.22 -17.41
N ARG B 200 22.36 -0.70 -16.22
CA ARG B 200 21.99 -0.02 -14.99
C ARG B 200 22.62 1.37 -14.93
N LYS B 201 23.89 1.45 -15.32
CA LYS B 201 24.57 2.73 -15.33
C LYS B 201 23.87 3.67 -16.30
N GLY B 202 23.18 3.10 -17.28
CA GLY B 202 22.45 3.92 -18.26
C GLY B 202 21.18 4.49 -17.66
N MET B 203 20.52 3.71 -16.81
CA MET B 203 19.30 4.16 -16.16
C MET B 203 19.66 5.24 -15.12
N VAL B 204 20.80 5.08 -14.47
CA VAL B 204 21.23 6.06 -13.49
C VAL B 204 21.50 7.39 -14.16
N ALA B 205 22.09 7.34 -15.35
CA ALA B 205 22.40 8.57 -16.09
C ALA B 205 21.11 9.28 -16.49
N ALA B 206 20.11 8.49 -16.88
CA ALA B 206 18.82 9.00 -17.27
C ALA B 206 18.18 9.82 -16.14
N TRP B 207 18.16 9.24 -14.95
CA TRP B 207 17.58 9.89 -13.79
C TRP B 207 18.31 11.22 -13.56
N SER B 208 19.62 11.16 -13.72
CA SER B 208 20.43 12.36 -13.49
C SER B 208 20.14 13.52 -14.43
N GLN B 209 20.19 13.29 -15.75
CA GLN B 209 19.95 14.39 -16.67
C GLN B 209 18.54 14.94 -16.46
N ARG B 210 17.60 14.06 -16.17
CA ARG B 210 16.24 14.50 -15.94
C ARG B 210 16.14 15.46 -14.76
N LEU B 211 16.93 15.21 -13.72
CA LEU B 211 16.88 16.07 -12.54
C LEU B 211 17.35 17.48 -12.87
N GLN B 212 18.09 17.61 -13.96
CA GLN B 212 18.57 18.92 -14.38
C GLN B 212 17.50 19.85 -14.95
N THR B 213 16.47 19.29 -15.57
CA THR B 213 15.39 20.10 -16.15
C THR B 213 14.06 19.90 -15.45
N ILE B 214 14.08 19.09 -14.39
CA ILE B 214 12.89 18.79 -13.62
C ILE B 214 12.11 20.03 -13.22
N TRP B 215 12.78 21.17 -13.11
CA TRP B 215 12.07 22.36 -12.72
C TRP B 215 11.32 23.02 -13.85
N LYS B 216 11.57 22.59 -15.09
CA LYS B 216 10.87 23.16 -16.22
C LYS B 216 9.82 22.21 -16.81
N GLU B 217 9.62 21.06 -16.17
CA GLU B 217 8.65 20.09 -16.66
C GLU B 217 7.23 20.43 -16.23
N GLU B 218 6.28 20.21 -17.14
CA GLU B 218 4.88 20.46 -16.82
C GLU B 218 4.28 19.23 -16.12
N PRO B 219 3.43 19.46 -15.12
CA PRO B 219 2.81 18.33 -14.42
C PRO B 219 1.87 17.59 -15.35
N ILE B 220 1.68 16.30 -15.11
CA ILE B 220 0.81 15.48 -15.94
C ILE B 220 -0.66 15.75 -15.64
N PRO B 221 -1.54 15.43 -16.59
CA PRO B 221 -2.97 15.64 -16.38
C PRO B 221 -3.43 14.38 -15.62
N CYS B 222 -3.12 14.34 -14.33
CA CYS B 222 -3.44 13.20 -13.49
C CYS B 222 -4.95 12.92 -13.40
N THR B 223 -5.51 12.40 -14.48
CA THR B 223 -6.94 12.10 -14.53
C THR B 223 -7.19 10.61 -14.72
N ALA B 224 -8.43 10.20 -14.50
CA ALA B 224 -8.81 8.80 -14.67
C ALA B 224 -8.42 8.36 -16.09
N HIS B 225 -8.52 9.29 -17.04
CA HIS B 225 -8.18 8.98 -18.41
C HIS B 225 -6.69 8.81 -18.65
N TRP B 226 -5.86 9.65 -18.01
CA TRP B 226 -4.42 9.55 -18.18
C TRP B 226 -3.90 8.16 -17.80
N HIS B 227 -4.37 7.69 -16.65
CA HIS B 227 -3.96 6.39 -16.13
C HIS B 227 -4.48 5.16 -16.86
N PHE B 228 -5.74 5.21 -17.30
CA PHE B 228 -6.35 4.04 -17.94
C PHE B 228 -6.67 4.06 -19.43
N GLY B 229 -6.28 5.12 -20.13
CA GLY B 229 -6.54 5.18 -21.57
C GLY B 229 -7.94 5.64 -21.96
N GLN B 230 -8.22 5.55 -23.26
CA GLN B 230 -9.50 5.95 -23.88
C GLN B 230 -10.77 5.82 -23.03
PA FAD C . -16.25 3.55 12.52
O1A FAD C . -15.41 4.79 12.51
O2A FAD C . -16.23 2.70 13.75
O5B FAD C . -17.72 4.05 12.17
C5B FAD C . -18.88 3.22 12.13
C4B FAD C . -19.85 3.74 13.20
O4B FAD C . -20.83 2.69 13.40
C3B FAD C . -19.24 4.04 14.59
O3B FAD C . -19.80 5.16 15.25
C2B FAD C . -19.44 2.73 15.34
O2B FAD C . -19.42 2.79 16.76
C1B FAD C . -20.76 2.18 14.75
N9A FAD C . -20.85 0.72 14.65
C8A FAD C . -19.94 -0.24 15.02
N7A FAD C . -20.38 -1.48 14.90
C5A FAD C . -21.67 -1.32 14.39
C6A FAD C . -22.74 -2.26 14.12
N6A FAD C . -22.64 -3.56 14.44
N1A FAD C . -23.87 -1.79 13.51
C2A FAD C . -23.94 -0.46 13.20
N3A FAD C . -23.04 0.51 13.47
C4A FAD C . -21.92 -0.01 14.14
N1 FAD C . -11.61 6.71 3.12
C2 FAD C . -11.74 6.63 1.74
O2 FAD C . -12.87 6.58 1.14
N3 FAD C . -10.60 6.64 0.94
C4 FAD C . -9.28 6.73 1.44
O4 FAD C . -8.31 6.76 0.64
C4X FAD C . -9.15 6.83 2.85
N5 FAD C . -7.86 7.01 3.41
C5X FAD C . -7.74 7.05 4.83
C6 FAD C . -6.43 7.23 5.42
C7 FAD C . -6.25 7.20 6.80
C7M FAD C . -4.82 7.27 7.34
C8 FAD C . -7.35 7.04 7.66
C8M FAD C . -7.22 6.96 9.17
C9 FAD C . -8.68 6.92 7.07
C9A FAD C . -8.88 6.93 5.68
N10 FAD C . -10.21 6.82 5.06
C10 FAD C . -10.32 6.78 3.66
C1' FAD C . -11.43 6.71 5.85
C2' FAD C . -11.74 5.27 6.28
O2' FAD C . -11.80 4.43 5.13
C3' FAD C . -13.04 5.24 7.08
O3' FAD C . -12.90 6.14 8.16
C4' FAD C . -13.32 3.83 7.62
O4' FAD C . -13.64 3.00 6.50
C5' FAD C . -14.46 3.85 8.61
O5' FAD C . -14.71 2.52 9.04
P FAD C . -14.53 2.09 10.55
O1P FAD C . -14.43 0.63 10.57
O2P FAD C . -13.39 2.86 11.14
O3P FAD C . -15.88 2.59 11.29
C2 ML2 D . -9.01 10.45 5.12
C4 ML2 D . -8.73 10.28 2.94
C5 ML2 D . -8.20 10.20 1.61
C6 ML2 D . -9.11 10.05 0.53
C9 ML2 D . -12.81 9.77 -0.36
C12 ML2 D . -10.32 10.33 4.58
C13 ML2 D . -11.70 10.30 5.32
N15 ML2 D . -12.46 10.38 7.72
C16 ML2 D . -11.81 10.02 8.79
C18 ML2 D . -12.62 9.32 9.85
I1 ML2 D . -8.51 10.63 7.12
N3 ML2 D . -8.11 10.42 4.11
C7 ML2 D . -10.52 9.99 0.75
O8 ML2 D . -11.36 9.83 -0.41
C10 ML2 D . -11.05 10.07 2.10
C11 ML2 D . -10.13 10.23 3.18
C14 ML2 D . -11.69 11.09 6.67
O17 ML2 D . -10.63 10.20 9.01
C2 ML2 E . 9.28 -10.44 -6.43
C4 ML2 E . 7.15 -9.98 -6.79
C5 ML2 E . 5.75 -9.76 -6.69
C6 ML2 E . 5.05 -9.36 -7.86
C9 ML2 E . 5.51 -8.60 -11.57
C12 ML2 E . 9.18 -10.11 -7.80
C13 ML2 E . 10.32 -10.06 -8.85
N15 ML2 E . 11.02 -11.13 -11.00
C16 ML2 E . 10.37 -10.81 -12.07
C18 ML2 E . 11.22 -10.65 -13.32
I1 ML2 E . 11.01 -10.97 -5.42
N3 ML2 E . 8.04 -10.35 -5.87
C7 ML2 E . 5.72 -9.19 -9.11
O8 ML2 E . 4.94 -8.80 -10.23
C10 ML2 E . 7.13 -9.43 -9.19
C11 ML2 E . 7.83 -9.81 -8.02
C14 ML2 E . 10.23 -11.31 -9.79
O17 ML2 E . 9.15 -10.64 -12.17
ZN ZN F . -5.99 -10.43 -12.32
PA FAD G . 19.34 -4.11 -6.42
O1A FAD G . 18.96 -5.51 -6.03
O2A FAD G . 20.17 -3.28 -5.49
O5B FAD G . 20.00 -4.25 -7.85
C5B FAD G . 20.86 -3.29 -8.47
C4B FAD G . 22.22 -3.95 -8.52
O4B FAD G . 22.99 -3.21 -9.48
C3B FAD G . 23.01 -3.91 -7.20
O3B FAD G . 23.66 -5.14 -6.89
C2B FAD G . 23.97 -2.76 -7.41
O2B FAD G . 25.10 -2.71 -6.58
C1B FAD G . 24.25 -2.88 -8.92
N9A FAD G . 24.70 -1.67 -9.64
C8A FAD G . 25.43 -1.61 -10.81
N7A FAD G . 25.50 -0.39 -11.33
C5A FAD G . 25.06 0.41 -10.29
C6A FAD G . 25.11 1.82 -10.08
N6A FAD G . 25.44 2.67 -11.05
N1A FAD G . 24.78 2.28 -8.83
C2A FAD G . 24.15 1.41 -7.97
N3A FAD G . 23.83 0.13 -8.17
C4A FAD G . 24.48 -0.35 -9.31
N1 FAD G . 8.65 -6.11 -8.66
C2 FAD G . 7.60 -5.83 -9.54
O2 FAD G . 7.78 -5.61 -10.77
N3 FAD G . 6.28 -5.81 -9.05
C4 FAD G . 5.94 -6.05 -7.73
O4 FAD G . 4.75 -5.99 -7.38
C4X FAD G . 7.00 -6.43 -6.87
N5 FAD G . 6.67 -6.82 -5.56
C5X FAD G . 7.71 -7.14 -4.67
C6 FAD G . 7.40 -7.48 -3.31
C7 FAD G . 8.39 -7.70 -2.37
C7M FAD G . 7.93 -7.95 -0.91
C8 FAD G . 9.76 -7.69 -2.77
C8M FAD G . 10.92 -7.83 -1.81
C9 FAD G . 10.08 -7.53 -4.15
C9A FAD G . 9.09 -7.13 -5.09
N10 FAD G . 9.39 -6.72 -6.45
C10 FAD G . 8.34 -6.41 -7.35
C1' FAD G . 10.79 -6.58 -6.92
C2' FAD G . 11.43 -5.25 -6.51
O2' FAD G . 10.58 -4.19 -6.97
C3' FAD G . 12.84 -5.21 -7.07
O3' FAD G . 13.55 -6.23 -6.41
C4' FAD G . 13.54 -3.85 -6.82
O4' FAD G . 12.89 -2.85 -7.58
C5' FAD G . 15.01 -3.90 -7.22
O5' FAD G . 15.62 -2.64 -6.85
P FAD G . 16.88 -2.61 -5.88
O1P FAD G . 17.17 -1.22 -5.55
O2P FAD G . 16.63 -3.53 -4.74
O3P FAD G . 18.04 -3.26 -6.74
ZN ZN H . -5.42 12.99 -10.12
#